data_4XA3
#
_entry.id   4XA3
#
_cell.length_a   37.462
_cell.length_b   146.115
_cell.length_c   153.443
_cell.angle_alpha   90.00
_cell.angle_beta   90.00
_cell.angle_gamma   90.00
#
_symmetry.space_group_name_H-M   'C 2 2 21'
#
loop_
_entity.id
_entity.type
_entity.pdbx_description
1 polymer 'Gp7-MYH7(1361-1425)-Eb1 chimera protein'
2 water water
#
_entity_poly.entity_id   1
_entity_poly.type   'polypeptide(L)'
_entity_poly.pdbx_seq_one_letter_code
;GASMPLKPEEHEDILNKLLDPELAQSERTEALQQLRVNYGSFVSEYNDLTKSLSKANSEVAQWRTKYETDAIQRTEELEE
AKKKLAQRLQEAEEAVEAVNAKCSSLEKTKHRLQNEIDFYFGKLRNIELICQENEGENDPVLQRIVDILYATDE
;
_entity_poly.pdbx_strand_id   A,B
#
# COMPACT_ATOMS: atom_id res chain seq x y z
N PRO A 5 17.51 -48.05 -8.61
CA PRO A 5 16.94 -48.82 -9.73
C PRO A 5 17.95 -49.08 -10.85
N LEU A 6 17.91 -50.29 -11.40
CA LEU A 6 18.82 -50.65 -12.48
C LEU A 6 18.54 -49.87 -13.75
N LYS A 7 19.58 -49.27 -14.31
CA LYS A 7 19.48 -48.65 -15.63
C LYS A 7 19.19 -49.75 -16.65
N PRO A 8 18.42 -49.41 -17.72
CA PRO A 8 17.93 -50.37 -18.71
C PRO A 8 18.99 -51.35 -19.22
N GLU A 9 20.22 -50.89 -19.43
CA GLU A 9 21.29 -51.73 -19.96
C GLU A 9 21.67 -52.85 -18.97
N GLU A 10 21.87 -52.46 -17.70
CA GLU A 10 22.23 -53.40 -16.65
C GLU A 10 21.18 -54.50 -16.50
N HIS A 11 19.92 -54.10 -16.49
CA HIS A 11 18.77 -55.00 -16.44
C HIS A 11 18.78 -55.95 -17.64
N GLU A 12 19.01 -55.37 -18.81
CA GLU A 12 19.07 -56.09 -20.07
C GLU A 12 20.09 -57.23 -20.03
N ASP A 13 21.27 -56.93 -19.51
CA ASP A 13 22.33 -57.93 -19.38
C ASP A 13 21.86 -59.12 -18.54
N ILE A 14 21.15 -58.84 -17.46
CA ILE A 14 20.62 -59.88 -16.59
C ILE A 14 19.60 -60.75 -17.32
N LEU A 15 18.70 -60.11 -18.06
CA LEU A 15 17.75 -60.87 -18.88
C LEU A 15 18.49 -61.80 -19.85
N ASN A 16 19.52 -61.26 -20.51
CA ASN A 16 20.33 -62.03 -21.45
C ASN A 16 21.01 -63.22 -20.80
N LYS A 17 21.51 -63.04 -19.59
CA LYS A 17 22.07 -64.15 -18.82
C LYS A 17 21.00 -65.20 -18.57
N LEU A 18 19.81 -64.74 -18.19
CA LEU A 18 18.71 -65.65 -17.90
C LEU A 18 18.21 -66.41 -19.13
N LEU A 19 18.55 -65.91 -20.33
CA LEU A 19 18.15 -66.60 -21.55
C LEU A 19 18.80 -67.99 -21.69
N ASP A 20 19.98 -68.17 -21.11
CA ASP A 20 20.70 -69.44 -21.22
C ASP A 20 20.10 -70.50 -20.29
N PRO A 21 19.53 -71.56 -20.88
CA PRO A 21 18.90 -72.64 -20.09
C PRO A 21 19.90 -73.46 -19.30
N GLU A 22 21.16 -73.48 -19.74
CA GLU A 22 22.19 -74.27 -19.08
C GLU A 22 23.02 -73.41 -18.12
N LEU A 23 22.51 -72.23 -17.82
CA LEU A 23 23.10 -71.40 -16.76
C LEU A 23 22.94 -72.13 -15.44
N ALA A 24 23.96 -72.05 -14.58
CA ALA A 24 23.92 -72.69 -13.28
C ALA A 24 22.72 -72.20 -12.47
N GLN A 25 22.04 -73.12 -11.81
CA GLN A 25 20.85 -72.79 -11.02
C GLN A 25 21.15 -71.75 -9.95
N SER A 26 22.38 -71.79 -9.43
CA SER A 26 22.83 -70.81 -8.45
C SER A 26 22.74 -69.40 -9.03
N GLU A 27 23.42 -69.19 -10.15
CA GLU A 27 23.45 -67.90 -10.82
C GLU A 27 22.06 -67.47 -11.26
N ARG A 28 21.27 -68.42 -11.77
CA ARG A 28 19.92 -68.16 -12.23
C ARG A 28 19.04 -67.61 -11.10
N THR A 29 19.09 -68.30 -9.95
CA THR A 29 18.36 -67.86 -8.77
C THR A 29 18.85 -66.49 -8.30
N GLU A 30 20.17 -66.29 -8.34
CA GLU A 30 20.77 -65.02 -7.98
C GLU A 30 20.20 -63.87 -8.83
N ALA A 31 20.13 -64.10 -10.14
CA ALA A 31 19.65 -63.09 -11.07
C ALA A 31 18.17 -62.81 -10.88
N LEU A 32 17.38 -63.86 -10.73
CA LEU A 32 15.94 -63.69 -10.54
C LEU A 32 15.62 -62.95 -9.23
N GLN A 33 16.36 -63.30 -8.17
CA GLN A 33 16.23 -62.57 -6.90
C GLN A 33 16.62 -61.10 -7.09
N GLN A 34 17.68 -60.89 -7.86
CA GLN A 34 18.13 -59.54 -8.20
C GLN A 34 16.98 -58.75 -8.85
N LEU A 35 16.25 -59.43 -9.73
CA LEU A 35 15.12 -58.80 -10.42
C LEU A 35 13.95 -58.50 -9.48
N ARG A 36 13.65 -59.42 -8.58
CA ARG A 36 12.55 -59.20 -7.63
C ARG A 36 12.87 -58.03 -6.70
N VAL A 37 14.06 -58.05 -6.12
CA VAL A 37 14.51 -56.98 -5.24
C VAL A 37 14.51 -55.64 -5.98
N ASN A 38 15.02 -55.64 -7.21
CA ASN A 38 15.04 -54.43 -8.02
C ASN A 38 13.64 -53.89 -8.30
N TYR A 39 12.72 -54.79 -8.60
CA TYR A 39 11.34 -54.38 -8.90
C TYR A 39 10.68 -53.79 -7.66
N GLY A 40 10.95 -54.40 -6.52
CA GLY A 40 10.44 -53.89 -5.25
C GLY A 40 10.95 -52.50 -4.95
N SER A 41 12.26 -52.33 -5.07
CA SER A 41 12.89 -51.03 -4.82
C SER A 41 12.40 -49.97 -5.82
N PHE A 42 12.14 -50.41 -7.03
CA PHE A 42 11.67 -49.52 -8.09
C PHE A 42 10.25 -49.03 -7.79
N VAL A 43 9.40 -49.95 -7.35
CA VAL A 43 8.04 -49.60 -6.95
C VAL A 43 8.08 -48.64 -5.75
N SER A 44 8.93 -48.95 -4.78
CA SER A 44 9.06 -48.11 -3.59
C SER A 44 9.48 -46.69 -3.95
N GLU A 45 10.53 -46.57 -4.76
CA GLU A 45 11.03 -45.27 -5.19
C GLU A 45 9.97 -44.53 -6.01
N TYR A 46 9.20 -45.28 -6.79
CA TYR A 46 8.13 -44.71 -7.60
C TYR A 46 7.05 -44.09 -6.72
N ASN A 47 6.60 -44.83 -5.72
CA ASN A 47 5.58 -44.33 -4.79
C ASN A 47 6.09 -43.13 -3.99
N ASP A 48 7.35 -43.22 -3.57
CA ASP A 48 8.04 -42.09 -2.93
C ASP A 48 7.95 -40.87 -3.83
N LEU A 49 8.16 -41.07 -5.12
CA LEU A 49 8.10 -39.99 -6.09
C LEU A 49 6.68 -39.42 -6.23
N THR A 50 5.68 -40.30 -6.19
CA THR A 50 4.29 -39.87 -6.28
C THR A 50 3.91 -38.97 -5.12
N LYS A 51 4.17 -39.45 -3.89
CA LYS A 51 3.83 -38.68 -2.71
C LYS A 51 4.66 -37.40 -2.61
N SER A 52 5.93 -37.49 -2.97
CA SER A 52 6.81 -36.32 -2.98
C SER A 52 6.39 -35.31 -4.05
N LEU A 53 5.62 -35.79 -5.03
CA LEU A 53 5.03 -34.91 -6.03
C LEU A 53 3.80 -34.20 -5.48
N SER A 54 2.94 -34.99 -4.84
CA SER A 54 1.73 -34.43 -4.22
C SER A 54 2.08 -33.37 -3.20
N LYS A 55 3.19 -33.57 -2.48
CA LYS A 55 3.66 -32.62 -1.49
C LYS A 55 3.97 -31.26 -2.12
N ALA A 56 4.54 -31.26 -3.32
CA ALA A 56 4.89 -30.02 -4.01
C ALA A 56 3.66 -29.37 -4.63
N ASN A 57 2.81 -30.19 -5.25
CA ASN A 57 1.58 -29.69 -5.87
C ASN A 57 0.66 -29.02 -4.85
N SER A 58 0.59 -29.60 -3.65
CA SER A 58 -0.18 -29.02 -2.56
C SER A 58 0.34 -27.62 -2.24
N GLU A 59 1.64 -27.42 -2.40
CA GLU A 59 2.25 -26.11 -2.19
C GLU A 59 1.93 -25.19 -3.37
N VAL A 60 1.80 -25.77 -4.57
CA VAL A 60 1.38 -24.99 -5.72
C VAL A 60 0.02 -24.36 -5.43
N ALA A 61 -0.97 -25.18 -5.06
CA ALA A 61 -2.28 -24.62 -4.73
C ALA A 61 -2.19 -23.68 -3.53
N GLN A 62 -1.43 -24.12 -2.52
CA GLN A 62 -1.19 -23.34 -1.31
C GLN A 62 -0.85 -21.89 -1.61
N TRP A 63 0.13 -21.68 -2.49
CA TRP A 63 0.53 -20.32 -2.84
C TRP A 63 -0.38 -19.70 -3.90
N ARG A 64 -1.12 -20.54 -4.62
CA ARG A 64 -2.07 -20.01 -5.58
C ARG A 64 -3.27 -19.43 -4.84
N THR A 65 -3.35 -19.68 -3.53
CA THR A 65 -4.38 -19.02 -2.72
C THR A 65 -3.80 -18.13 -1.60
N LYS A 66 -2.53 -18.34 -1.27
CA LYS A 66 -1.88 -17.67 -0.14
C LYS A 66 -1.61 -16.20 -0.46
N TYR A 67 -0.91 -15.96 -1.55
CA TYR A 67 -0.60 -14.59 -1.96
C TYR A 67 -1.54 -14.12 -3.06
N GLU A 68 -2.59 -14.89 -3.30
CA GLU A 68 -3.65 -14.46 -4.22
C GLU A 68 -4.71 -13.70 -3.42
N THR A 69 -4.92 -14.13 -2.18
CA THR A 69 -5.82 -13.43 -1.27
C THR A 69 -5.06 -12.26 -0.63
N ASP A 70 -3.75 -12.40 -0.55
CA ASP A 70 -2.88 -11.38 0.03
C ASP A 70 -2.77 -10.18 -0.90
N ALA A 71 -2.94 -10.43 -2.19
CA ALA A 71 -2.97 -9.35 -3.17
C ALA A 71 -4.18 -8.45 -2.93
N ILE A 72 -5.36 -9.06 -2.95
CA ILE A 72 -6.61 -8.37 -2.68
C ILE A 72 -6.56 -7.64 -1.33
N GLN A 73 -6.10 -8.36 -0.31
CA GLN A 73 -6.09 -7.82 1.05
C GLN A 73 -5.12 -6.63 1.18
N ARG A 74 -3.95 -6.75 0.58
CA ARG A 74 -2.99 -5.64 0.62
C ARG A 74 -3.52 -4.43 -0.16
N THR A 75 -4.25 -4.71 -1.24
CA THR A 75 -4.94 -3.64 -1.97
C THR A 75 -5.90 -2.89 -1.05
N GLU A 76 -6.73 -3.65 -0.34
CA GLU A 76 -7.64 -3.10 0.66
C GLU A 76 -6.88 -2.22 1.65
N GLU A 77 -5.77 -2.75 2.16
CA GLU A 77 -4.94 -2.03 3.13
C GLU A 77 -4.37 -0.73 2.57
N LEU A 78 -4.16 -0.70 1.25
CA LEU A 78 -3.70 0.51 0.58
C LEU A 78 -4.80 1.58 0.52
N GLU A 79 -5.93 1.19 -0.06
CA GLU A 79 -7.04 2.13 -0.23
C GLU A 79 -7.58 2.61 1.11
N GLU A 80 -7.34 1.83 2.16
CA GLU A 80 -7.61 2.25 3.54
C GLU A 80 -6.90 3.56 3.85
N ALA A 81 -5.58 3.53 3.78
CA ALA A 81 -4.75 4.70 4.01
C ALA A 81 -5.17 5.85 3.11
N LYS A 82 -5.42 5.54 1.83
CA LYS A 82 -5.88 6.56 0.90
C LYS A 82 -7.12 7.31 1.41
N LYS A 83 -8.17 6.55 1.72
CA LYS A 83 -9.44 7.12 2.17
C LYS A 83 -9.28 7.92 3.46
N LYS A 84 -8.53 7.36 4.41
CA LYS A 84 -8.28 8.04 5.68
C LYS A 84 -7.63 9.41 5.48
N LEU A 85 -6.46 9.41 4.85
CA LEU A 85 -5.72 10.65 4.63
C LEU A 85 -6.48 11.58 3.68
N ALA A 86 -7.45 11.04 2.96
CA ALA A 86 -8.33 11.87 2.14
C ALA A 86 -9.29 12.64 3.04
N GLN A 87 -9.87 11.95 4.02
CA GLN A 87 -10.76 12.63 4.96
C GLN A 87 -9.99 13.71 5.72
N ARG A 88 -8.77 13.39 6.16
CA ARG A 88 -7.97 14.38 6.86
C ARG A 88 -7.63 15.57 5.95
N LEU A 89 -7.16 15.27 4.73
CA LEU A 89 -6.81 16.29 3.75
C LEU A 89 -7.98 17.25 3.49
N GLN A 90 -9.18 16.70 3.38
CA GLN A 90 -10.35 17.52 3.11
C GLN A 90 -10.77 18.34 4.33
N GLU A 91 -10.87 17.70 5.49
CA GLU A 91 -11.27 18.40 6.70
C GLU A 91 -10.26 19.48 7.08
N ALA A 92 -9.04 19.37 6.56
CA ALA A 92 -8.06 20.44 6.71
C ALA A 92 -8.30 21.54 5.68
N GLU A 93 -8.36 21.14 4.41
CA GLU A 93 -8.47 22.09 3.29
C GLU A 93 -9.80 22.85 3.27
N GLU A 94 -10.75 22.45 4.11
CA GLU A 94 -12.00 23.19 4.23
C GLU A 94 -11.88 24.26 5.31
N ALA A 95 -11.26 23.89 6.43
CA ALA A 95 -10.94 24.85 7.49
C ALA A 95 -10.07 25.96 6.94
N VAL A 96 -9.12 25.58 6.07
CA VAL A 96 -8.25 26.54 5.40
C VAL A 96 -9.03 27.70 4.79
N GLU A 97 -9.88 27.38 3.82
CA GLU A 97 -10.62 28.41 3.10
C GLU A 97 -11.70 29.05 3.96
N ALA A 98 -12.15 28.33 4.99
CA ALA A 98 -13.07 28.92 5.95
C ALA A 98 -12.43 30.12 6.64
N VAL A 99 -11.35 29.88 7.36
CA VAL A 99 -10.67 30.97 8.08
C VAL A 99 -9.97 31.93 7.11
N ASN A 100 -9.77 31.49 5.88
CA ASN A 100 -9.23 32.37 4.84
C ASN A 100 -10.26 33.42 4.49
N ALA A 101 -11.51 32.97 4.32
CA ALA A 101 -12.63 33.86 4.08
C ALA A 101 -12.84 34.79 5.28
N LYS A 102 -12.72 34.24 6.48
CA LYS A 102 -12.89 35.04 7.70
C LYS A 102 -11.81 36.14 7.78
N CYS A 103 -10.58 35.78 7.44
CA CYS A 103 -9.48 36.75 7.37
C CYS A 103 -9.78 37.85 6.34
N SER A 104 -10.18 37.42 5.15
CA SER A 104 -10.56 38.36 4.08
C SER A 104 -11.69 39.28 4.52
N SER A 105 -12.48 38.81 5.50
CA SER A 105 -13.52 39.63 6.10
C SER A 105 -12.93 40.69 7.02
N LEU A 106 -12.05 40.26 7.91
CA LEU A 106 -11.41 41.19 8.84
C LEU A 106 -10.62 42.28 8.12
N GLU A 107 -10.13 41.97 6.92
CA GLU A 107 -9.49 43.00 6.10
C GLU A 107 -10.48 44.12 5.74
N LYS A 108 -11.66 43.73 5.30
CA LYS A 108 -12.71 44.68 4.95
C LYS A 108 -13.13 45.51 6.16
N THR A 109 -13.21 44.85 7.31
CA THR A 109 -13.49 45.57 8.56
C THR A 109 -12.40 46.62 8.80
N LYS A 110 -11.15 46.21 8.62
CA LYS A 110 -10.01 47.11 8.77
C LYS A 110 -10.14 48.36 7.90
N HIS A 111 -10.45 48.17 6.62
CA HIS A 111 -10.55 49.30 5.71
C HIS A 111 -11.75 50.20 6.00
N ARG A 112 -12.88 49.59 6.36
CA ARG A 112 -14.07 50.34 6.77
C ARG A 112 -13.75 51.27 7.97
N LEU A 113 -13.15 50.67 9.00
CA LEU A 113 -12.81 51.43 10.21
C LEU A 113 -11.77 52.51 9.92
N GLN A 114 -10.80 52.20 9.07
CA GLN A 114 -9.78 53.20 8.73
C GLN A 114 -10.42 54.38 7.99
N ASN A 115 -11.42 54.07 7.15
CA ASN A 115 -12.20 55.12 6.50
C ASN A 115 -12.87 56.01 7.54
N GLU A 116 -13.54 55.39 8.51
CA GLU A 116 -14.17 56.17 9.58
C GLU A 116 -13.16 57.08 10.30
N ILE A 117 -12.01 56.50 10.64
CA ILE A 117 -10.93 57.24 11.30
C ILE A 117 -10.53 58.47 10.50
N ASP A 118 -10.16 58.26 9.24
CA ASP A 118 -9.72 59.36 8.38
C ASP A 118 -10.81 60.43 8.26
N PHE A 119 -12.06 59.98 8.23
CA PHE A 119 -13.21 60.89 8.18
C PHE A 119 -13.28 61.83 9.39
N TYR A 120 -13.45 61.24 10.57
CA TYR A 120 -13.60 62.02 11.79
C TYR A 120 -12.36 62.88 12.07
N PHE A 121 -11.19 62.31 11.78
CA PHE A 121 -9.94 63.04 11.88
C PHE A 121 -9.95 64.23 10.93
N GLY A 122 -10.60 64.07 9.78
CA GLY A 122 -10.76 65.14 8.83
C GLY A 122 -11.57 66.28 9.43
N LYS A 123 -12.70 65.93 10.04
CA LYS A 123 -13.52 66.94 10.70
C LYS A 123 -12.73 67.70 11.77
N LEU A 124 -12.12 66.94 12.68
CA LEU A 124 -11.31 67.53 13.74
C LEU A 124 -10.23 68.44 13.18
N ARG A 125 -9.59 68.01 12.10
CA ARG A 125 -8.51 68.79 11.48
C ARG A 125 -9.02 70.11 10.92
N ASN A 126 -10.18 70.07 10.25
CA ASN A 126 -10.78 71.30 9.74
C ASN A 126 -11.11 72.28 10.86
N ILE A 127 -11.73 71.76 11.93
CA ILE A 127 -12.00 72.60 13.10
C ILE A 127 -10.73 73.23 13.64
N GLU A 128 -9.69 72.41 13.80
CA GLU A 128 -8.39 72.87 14.29
C GLU A 128 -7.84 74.00 13.44
N LEU A 129 -7.87 73.83 12.12
CA LEU A 129 -7.40 74.86 11.19
C LEU A 129 -8.18 76.16 11.40
N ILE A 130 -9.51 76.04 11.47
CA ILE A 130 -10.37 77.21 11.71
C ILE A 130 -9.96 77.93 12.99
N CYS A 131 -9.64 77.17 14.03
CA CYS A 131 -9.21 77.75 15.31
C CYS A 131 -7.84 78.43 15.19
N GLN A 132 -6.93 77.81 14.46
CA GLN A 132 -5.58 78.34 14.25
C GLN A 132 -5.62 79.65 13.48
N GLU A 133 -6.65 79.80 12.64
CA GLU A 133 -6.76 80.98 11.79
C GLU A 133 -7.31 82.21 12.50
N ASN A 134 -8.17 81.99 13.50
CA ASN A 134 -8.77 83.10 14.22
C ASN A 134 -8.36 83.17 15.69
N ASP A 139 -14.77 83.69 19.57
CA ASP A 139 -13.95 84.19 20.68
C ASP A 139 -14.30 83.54 22.03
N PRO A 140 -15.59 83.49 22.42
CA PRO A 140 -15.84 82.88 23.72
C PRO A 140 -15.74 81.35 23.71
N VAL A 141 -16.51 80.72 22.83
CA VAL A 141 -16.57 79.26 22.75
C VAL A 141 -15.24 78.70 22.30
N LEU A 142 -14.47 79.51 21.57
CA LEU A 142 -13.24 79.03 20.98
C LEU A 142 -12.25 78.63 22.07
N GLN A 143 -12.02 79.51 23.03
CA GLN A 143 -11.05 79.23 24.10
C GLN A 143 -11.35 77.90 24.77
N ARG A 144 -12.64 77.59 24.87
CA ARG A 144 -13.10 76.32 25.42
C ARG A 144 -12.75 75.16 24.49
N ILE A 145 -13.03 75.34 23.19
CA ILE A 145 -12.71 74.33 22.19
C ILE A 145 -11.21 74.03 22.17
N VAL A 146 -10.40 75.05 22.45
CA VAL A 146 -8.96 74.91 22.51
C VAL A 146 -8.56 74.29 23.84
N ASP A 147 -9.40 74.51 24.85
CA ASP A 147 -9.21 73.83 26.13
C ASP A 147 -9.49 72.34 25.99
N ILE A 148 -10.26 71.95 24.97
CA ILE A 148 -10.45 70.53 24.67
C ILE A 148 -9.11 69.92 24.25
N LEU A 149 -8.49 70.50 23.24
CA LEU A 149 -7.13 70.15 22.87
C LEU A 149 -6.20 70.84 23.85
N TYR A 150 -4.90 70.87 23.56
CA TYR A 150 -3.91 71.65 24.32
C TYR A 150 -2.52 71.52 23.72
N MET B 4 -0.11 -49.47 -16.03
CA MET B 4 0.25 -50.60 -16.89
C MET B 4 1.33 -51.54 -16.30
N PRO B 5 2.38 -50.98 -15.64
CA PRO B 5 3.36 -51.87 -15.01
C PRO B 5 2.74 -52.94 -14.11
N LEU B 6 3.21 -54.18 -14.27
CA LEU B 6 2.65 -55.32 -13.53
C LEU B 6 2.81 -55.15 -12.02
N LYS B 7 1.80 -55.60 -11.29
CA LYS B 7 1.87 -55.67 -9.84
C LYS B 7 2.98 -56.64 -9.44
N PRO B 8 3.64 -56.39 -8.29
CA PRO B 8 4.74 -57.23 -7.80
C PRO B 8 4.42 -58.73 -7.81
N GLU B 9 3.15 -59.07 -7.60
CA GLU B 9 2.72 -60.46 -7.58
C GLU B 9 2.78 -61.10 -8.96
N GLU B 10 2.34 -60.36 -9.98
CA GLU B 10 2.39 -60.82 -11.37
C GLU B 10 3.85 -61.04 -11.80
N HIS B 11 4.66 -60.01 -11.56
CA HIS B 11 6.09 -60.02 -11.80
C HIS B 11 6.74 -61.26 -11.18
N GLU B 12 6.44 -61.48 -9.90
CA GLU B 12 6.91 -62.65 -9.19
C GLU B 12 6.45 -63.93 -9.88
N ASP B 13 5.22 -63.93 -10.36
CA ASP B 13 4.68 -65.09 -11.08
C ASP B 13 5.48 -65.38 -12.34
N ILE B 14 6.07 -64.34 -12.93
CA ILE B 14 6.93 -64.55 -14.10
C ILE B 14 8.30 -65.10 -13.68
N LEU B 15 8.92 -64.45 -12.69
CA LEU B 15 10.24 -64.87 -12.20
C LEU B 15 10.24 -66.34 -11.78
N ASN B 16 9.20 -66.74 -11.05
CA ASN B 16 9.05 -68.12 -10.60
C ASN B 16 9.06 -69.09 -11.77
N LYS B 17 8.38 -68.72 -12.86
CA LYS B 17 8.42 -69.51 -14.07
C LYS B 17 9.82 -69.59 -14.61
N LEU B 18 10.55 -68.49 -14.53
CA LEU B 18 11.92 -68.45 -15.05
C LEU B 18 12.90 -69.29 -14.22
N LEU B 19 12.55 -69.57 -12.97
CA LEU B 19 13.41 -70.41 -12.12
C LEU B 19 13.69 -71.80 -12.69
N ASP B 20 12.70 -72.37 -13.38
CA ASP B 20 12.80 -73.73 -13.89
C ASP B 20 13.75 -73.84 -15.08
N PRO B 21 14.79 -74.69 -14.97
CA PRO B 21 15.70 -74.93 -16.09
C PRO B 21 15.09 -75.81 -17.18
N GLU B 22 13.97 -76.45 -16.87
CA GLU B 22 13.28 -77.32 -17.83
C GLU B 22 12.12 -76.60 -18.49
N LEU B 23 12.19 -75.27 -18.51
CA LEU B 23 11.19 -74.46 -19.19
C LEU B 23 11.59 -74.30 -20.66
N ALA B 24 10.61 -74.44 -21.55
CA ALA B 24 10.88 -74.37 -23.00
C ALA B 24 11.46 -73.01 -23.39
N GLN B 25 12.39 -73.03 -24.33
CA GLN B 25 13.09 -71.81 -24.75
C GLN B 25 12.16 -70.76 -25.33
N SER B 26 11.08 -71.20 -25.97
CA SER B 26 10.08 -70.27 -26.48
C SER B 26 9.43 -69.53 -25.32
N GLU B 27 9.01 -70.28 -24.31
CA GLU B 27 8.36 -69.71 -23.13
C GLU B 27 9.33 -68.88 -22.30
N ARG B 28 10.58 -69.32 -22.23
CA ARG B 28 11.61 -68.59 -21.49
C ARG B 28 11.88 -67.25 -22.14
N THR B 29 12.08 -67.28 -23.46
CA THR B 29 12.27 -66.07 -24.25
C THR B 29 11.09 -65.11 -24.08
N GLU B 30 9.88 -65.67 -24.14
CA GLU B 30 8.67 -64.88 -23.99
C GLU B 30 8.56 -64.21 -22.62
N ALA B 31 8.87 -64.96 -21.57
CA ALA B 31 8.83 -64.41 -20.21
C ALA B 31 9.86 -63.29 -20.07
N LEU B 32 11.06 -63.53 -20.59
CA LEU B 32 12.12 -62.53 -20.53
C LEU B 32 11.75 -61.26 -21.27
N GLN B 33 11.08 -61.39 -22.42
CA GLN B 33 10.66 -60.23 -23.17
C GLN B 33 9.52 -59.51 -22.45
N GLN B 34 8.70 -60.26 -21.73
CA GLN B 34 7.67 -59.67 -20.88
C GLN B 34 8.32 -58.76 -19.85
N LEU B 35 9.32 -59.30 -19.16
CA LEU B 35 10.07 -58.52 -18.17
C LEU B 35 10.69 -57.28 -18.81
N ARG B 36 11.27 -57.45 -19.99
CA ARG B 36 11.88 -56.35 -20.74
C ARG B 36 10.91 -55.21 -20.97
N VAL B 37 9.82 -55.52 -21.69
CA VAL B 37 8.82 -54.51 -22.04
C VAL B 37 8.21 -53.85 -20.80
N ASN B 38 7.79 -54.67 -19.84
CA ASN B 38 7.22 -54.15 -18.60
C ASN B 38 8.18 -53.18 -17.90
N TYR B 39 9.45 -53.54 -17.88
CA TYR B 39 10.47 -52.69 -17.26
C TYR B 39 10.58 -51.37 -18.01
N GLY B 40 10.56 -51.43 -19.35
CA GLY B 40 10.62 -50.24 -20.16
C GLY B 40 9.46 -49.28 -19.89
N SER B 41 8.25 -49.83 -19.87
CA SER B 41 7.05 -49.03 -19.59
C SER B 41 7.13 -48.42 -18.20
N PHE B 42 7.63 -49.19 -17.25
CA PHE B 42 7.72 -48.73 -15.87
C PHE B 42 8.73 -47.59 -15.71
N VAL B 43 9.89 -47.70 -16.39
CA VAL B 43 10.89 -46.64 -16.28
C VAL B 43 10.44 -45.39 -17.07
N SER B 44 9.64 -45.59 -18.10
CA SER B 44 9.10 -44.44 -18.83
C SER B 44 8.10 -43.68 -17.94
N GLU B 45 7.20 -44.44 -17.30
CA GLU B 45 6.26 -43.89 -16.34
C GLU B 45 6.99 -43.13 -15.24
N TYR B 46 8.05 -43.75 -14.74
CA TYR B 46 8.91 -43.16 -13.72
C TYR B 46 9.51 -41.84 -14.17
N ASN B 47 10.02 -41.81 -15.40
CA ASN B 47 10.62 -40.60 -15.95
C ASN B 47 9.60 -39.47 -16.08
N ASP B 48 8.42 -39.80 -16.62
CA ASP B 48 7.33 -38.85 -16.71
C ASP B 48 7.02 -38.28 -15.32
N LEU B 49 7.05 -39.16 -14.32
CA LEU B 49 6.80 -38.76 -12.94
C LEU B 49 7.85 -37.77 -12.43
N THR B 50 9.12 -38.07 -12.69
CA THR B 50 10.23 -37.21 -12.28
C THR B 50 10.10 -35.82 -12.92
N LYS B 51 9.90 -35.80 -14.23
CA LYS B 51 9.75 -34.55 -14.96
C LYS B 51 8.58 -33.74 -14.42
N SER B 52 7.46 -34.42 -14.14
CA SER B 52 6.28 -33.77 -13.57
C SER B 52 6.61 -33.15 -12.21
N LEU B 53 7.42 -33.87 -11.43
CA LEU B 53 7.87 -33.38 -10.14
C LEU B 53 8.67 -32.10 -10.30
N SER B 54 9.55 -32.07 -11.30
CA SER B 54 10.31 -30.86 -11.58
C SER B 54 9.38 -29.72 -12.00
N LYS B 55 8.34 -30.06 -12.74
CA LYS B 55 7.37 -29.07 -13.20
C LYS B 55 6.59 -28.46 -12.03
N ALA B 56 6.34 -29.27 -11.01
CA ALA B 56 5.66 -28.78 -9.82
C ALA B 56 6.59 -27.94 -8.95
N ASN B 57 7.80 -28.44 -8.73
CA ASN B 57 8.80 -27.76 -7.91
C ASN B 57 9.23 -26.43 -8.50
N SER B 58 9.15 -26.32 -9.82
CA SER B 58 9.50 -25.07 -10.50
C SER B 58 8.45 -24.01 -10.19
N GLU B 59 7.21 -24.44 -10.03
CA GLU B 59 6.12 -23.54 -9.68
C GLU B 59 6.16 -23.20 -8.19
N VAL B 60 6.55 -24.17 -7.37
CA VAL B 60 6.73 -23.93 -5.95
C VAL B 60 7.81 -22.88 -5.73
N ALA B 61 8.98 -23.12 -6.32
CA ALA B 61 10.09 -22.17 -6.26
C ALA B 61 9.72 -20.88 -6.99
N GLN B 62 8.72 -20.96 -7.87
CA GLN B 62 8.23 -19.76 -8.52
C GLN B 62 7.52 -18.89 -7.49
N TRP B 63 6.41 -19.38 -6.93
CA TRP B 63 5.60 -18.55 -6.04
C TRP B 63 6.33 -18.20 -4.74
N ARG B 64 7.27 -19.05 -4.34
CA ARG B 64 8.01 -18.82 -3.11
C ARG B 64 8.83 -17.52 -3.18
N THR B 65 9.18 -17.11 -4.39
CA THR B 65 10.02 -15.93 -4.59
C THR B 65 9.24 -14.81 -5.30
N LYS B 66 8.31 -15.20 -6.15
CA LYS B 66 7.59 -14.30 -7.04
C LYS B 66 6.81 -13.22 -6.29
N TYR B 67 5.89 -13.62 -5.44
CA TYR B 67 5.10 -12.67 -4.67
C TYR B 67 5.79 -12.36 -3.35
N GLU B 68 6.93 -13.00 -3.13
CA GLU B 68 7.79 -12.66 -2.01
C GLU B 68 8.47 -11.32 -2.28
N THR B 69 8.76 -11.07 -3.54
CA THR B 69 9.28 -9.78 -3.97
C THR B 69 8.14 -8.77 -4.05
N ASP B 70 6.92 -9.28 -4.21
CA ASP B 70 5.72 -8.44 -4.22
C ASP B 70 5.48 -7.90 -2.81
N ALA B 71 5.85 -8.70 -1.81
CA ALA B 71 5.76 -8.27 -0.42
C ALA B 71 6.55 -6.99 -0.22
N ILE B 72 7.84 -7.03 -0.55
CA ILE B 72 8.70 -5.86 -0.52
C ILE B 72 8.13 -4.73 -1.35
N GLN B 73 7.87 -5.04 -2.61
CA GLN B 73 7.24 -4.14 -3.57
C GLN B 73 6.16 -3.27 -2.94
N ARG B 74 5.05 -3.89 -2.56
CA ARG B 74 3.91 -3.15 -2.03
C ARG B 74 4.16 -2.61 -0.63
N THR B 75 5.08 -3.24 0.10
CA THR B 75 5.43 -2.75 1.43
C THR B 75 6.00 -1.34 1.33
N GLU B 76 6.91 -1.13 0.37
CA GLU B 76 7.48 0.19 0.23
C GLU B 76 6.60 1.13 -0.59
N GLU B 77 5.92 0.61 -1.62
CA GLU B 77 5.10 1.48 -2.44
C GLU B 77 3.76 1.84 -1.78
N LEU B 78 3.51 1.25 -0.62
CA LEU B 78 2.42 1.71 0.25
C LEU B 78 2.87 2.98 0.96
N GLU B 79 4.11 2.92 1.45
CA GLU B 79 4.74 4.05 2.12
C GLU B 79 5.02 5.17 1.12
N GLU B 80 5.00 4.83 -0.17
CA GLU B 80 5.10 5.84 -1.22
C GLU B 80 3.93 6.82 -1.12
N ALA B 81 2.77 6.31 -0.73
CA ALA B 81 1.59 7.15 -0.53
C ALA B 81 1.53 7.64 0.92
N LYS B 82 1.97 6.80 1.85
CA LYS B 82 1.97 7.16 3.27
C LYS B 82 2.86 8.38 3.55
N LYS B 83 3.97 8.47 2.83
CA LYS B 83 4.94 9.54 3.04
C LYS B 83 4.57 10.78 2.25
N LYS B 84 3.90 10.60 1.11
CA LYS B 84 3.62 11.72 0.22
C LYS B 84 2.57 12.67 0.78
N LEU B 85 1.58 12.14 1.47
CA LEU B 85 0.46 12.96 1.94
C LEU B 85 0.59 13.29 3.42
N ALA B 86 1.58 12.71 4.09
CA ALA B 86 1.92 13.11 5.45
C ALA B 86 2.69 14.42 5.40
N GLN B 87 3.02 14.85 4.18
CA GLN B 87 3.70 16.11 3.94
C GLN B 87 2.70 17.17 3.47
N ARG B 88 1.80 16.76 2.59
CA ARG B 88 0.75 17.65 2.10
C ARG B 88 -0.24 17.99 3.21
N LEU B 89 -0.59 16.99 4.02
CA LEU B 89 -1.45 17.22 5.18
C LEU B 89 -0.78 18.25 6.11
N GLN B 90 0.53 18.15 6.22
CA GLN B 90 1.30 19.10 7.00
C GLN B 90 1.19 20.51 6.40
N GLU B 91 1.31 20.58 5.08
CA GLU B 91 1.21 21.86 4.37
C GLU B 91 -0.14 22.54 4.60
N ALA B 92 -1.22 21.76 4.47
CA ALA B 92 -2.56 22.28 4.69
C ALA B 92 -2.73 22.73 6.15
N GLU B 93 -2.44 21.82 7.07
CA GLU B 93 -2.59 22.08 8.51
C GLU B 93 -1.72 23.24 8.99
N GLU B 94 -0.70 23.58 8.21
CA GLU B 94 0.16 24.70 8.57
C GLU B 94 -0.36 25.99 7.95
N ALA B 95 -0.89 25.90 6.74
CA ALA B 95 -1.56 27.04 6.11
C ALA B 95 -2.68 27.53 7.03
N VAL B 96 -3.43 26.57 7.56
CA VAL B 96 -4.52 26.85 8.51
C VAL B 96 -4.13 27.85 9.59
N GLU B 97 -3.09 27.51 10.36
CA GLU B 97 -2.72 28.33 11.50
C GLU B 97 -1.83 29.51 11.09
N ALA B 98 -1.29 29.47 9.88
CA ALA B 98 -0.64 30.65 9.33
C ALA B 98 -1.68 31.76 9.19
N VAL B 99 -2.72 31.48 8.41
CA VAL B 99 -3.76 32.48 8.20
C VAL B 99 -4.57 32.71 9.48
N ASN B 100 -4.56 31.73 10.40
CA ASN B 100 -5.18 31.93 11.70
C ASN B 100 -4.43 32.97 12.51
N ALA B 101 -3.10 32.91 12.45
CA ALA B 101 -2.23 33.88 13.11
C ALA B 101 -2.46 35.27 12.53
N LYS B 102 -2.33 35.37 11.21
CA LYS B 102 -2.59 36.64 10.53
C LYS B 102 -3.96 37.20 10.92
N CYS B 103 -4.94 36.33 11.05
CA CYS B 103 -6.32 36.72 11.30
C CYS B 103 -6.46 37.27 12.72
N SER B 104 -5.81 36.59 13.68
CA SER B 104 -5.77 37.06 15.05
C SER B 104 -5.18 38.47 15.12
N SER B 105 -4.08 38.66 14.39
CA SER B 105 -3.47 39.98 14.28
C SER B 105 -4.48 40.99 13.75
N LEU B 106 -5.29 40.57 12.78
CA LEU B 106 -6.35 41.43 12.25
C LEU B 106 -7.42 41.75 13.30
N GLU B 107 -7.63 40.84 14.26
CA GLU B 107 -8.55 41.14 15.35
C GLU B 107 -7.96 42.26 16.23
N LYS B 108 -6.69 42.11 16.58
CA LYS B 108 -5.98 43.15 17.33
C LYS B 108 -6.13 44.50 16.65
N THR B 109 -5.84 44.52 15.35
CA THR B 109 -5.98 45.71 14.52
C THR B 109 -7.38 46.30 14.58
N LYS B 110 -8.39 45.43 14.42
CA LYS B 110 -9.78 45.83 14.49
C LYS B 110 -10.10 46.60 15.76
N HIS B 111 -9.78 45.99 16.90
CA HIS B 111 -10.06 46.63 18.18
C HIS B 111 -9.30 47.95 18.34
N ARG B 112 -8.04 47.97 17.92
CA ARG B 112 -7.23 49.20 17.99
C ARG B 112 -7.88 50.34 17.20
N LEU B 113 -8.23 50.06 15.95
CA LEU B 113 -8.87 51.05 15.09
C LEU B 113 -10.17 51.54 15.67
N GLN B 114 -10.99 50.62 16.19
CA GLN B 114 -12.26 51.01 16.80
C GLN B 114 -12.02 51.96 17.97
N ASN B 115 -10.99 51.67 18.75
CA ASN B 115 -10.59 52.56 19.84
C ASN B 115 -10.27 53.96 19.33
N GLU B 116 -9.48 54.04 18.25
CA GLU B 116 -9.17 55.32 17.63
C GLU B 116 -10.44 56.09 17.24
N ILE B 117 -11.34 55.38 16.57
CA ILE B 117 -12.62 55.96 16.16
C ILE B 117 -13.35 56.56 17.35
N ASP B 118 -13.45 55.79 18.43
CA ASP B 118 -14.12 56.26 19.64
C ASP B 118 -13.45 57.51 20.20
N PHE B 119 -12.13 57.54 20.14
CA PHE B 119 -11.36 58.71 20.58
C PHE B 119 -11.78 59.97 19.82
N TYR B 120 -11.57 59.95 18.51
CA TYR B 120 -11.85 61.12 17.67
C TYR B 120 -13.32 61.53 17.72
N PHE B 121 -14.22 60.56 17.59
CA PHE B 121 -15.65 60.77 17.65
C PHE B 121 -16.05 61.44 18.97
N GLY B 122 -15.42 60.98 20.06
CA GLY B 122 -15.64 61.56 21.37
C GLY B 122 -15.25 63.02 21.42
N LYS B 123 -14.04 63.33 20.97
CA LYS B 123 -13.59 64.73 20.93
C LYS B 123 -14.58 65.59 20.14
N LEU B 124 -14.97 65.09 18.97
CA LEU B 124 -15.97 65.75 18.15
C LEU B 124 -17.24 66.05 18.94
N ARG B 125 -17.78 65.06 19.62
CA ARG B 125 -19.00 65.24 20.39
C ARG B 125 -18.85 66.29 21.48
N ASN B 126 -17.66 66.35 22.09
CA ASN B 126 -17.37 67.40 23.07
C ASN B 126 -17.49 68.79 22.42
N ILE B 127 -16.81 68.96 21.30
CA ILE B 127 -16.88 70.21 20.55
C ILE B 127 -18.34 70.55 20.21
N GLU B 128 -19.10 69.52 19.84
CA GLU B 128 -20.50 69.69 19.48
C GLU B 128 -21.36 70.11 20.67
N LEU B 129 -20.96 69.69 21.87
CA LEU B 129 -21.62 70.17 23.07
C LEU B 129 -21.36 71.66 23.23
N ILE B 130 -20.09 72.04 23.15
CA ILE B 130 -19.72 73.46 23.25
C ILE B 130 -20.47 74.32 22.24
N CYS B 131 -20.61 73.81 21.03
CA CYS B 131 -21.33 74.54 19.97
C CYS B 131 -22.84 74.56 20.21
N GLN B 132 -23.37 73.47 20.75
CA GLN B 132 -24.80 73.38 21.03
C GLN B 132 -25.19 74.31 22.16
N GLU B 133 -24.22 74.70 22.97
CA GLU B 133 -24.50 75.64 24.06
C GLU B 133 -24.53 77.09 23.56
N ASN B 134 -23.45 77.55 22.95
CA ASN B 134 -23.43 78.90 22.40
C ASN B 134 -23.79 78.92 20.92
N ASP B 139 -18.82 82.89 18.44
CA ASP B 139 -19.99 83.31 17.67
C ASP B 139 -19.68 83.54 16.19
N PRO B 140 -18.57 84.23 15.85
CA PRO B 140 -18.27 84.33 14.42
C PRO B 140 -17.45 83.14 13.91
N VAL B 141 -16.53 82.64 14.74
CA VAL B 141 -15.76 81.45 14.40
C VAL B 141 -16.67 80.23 14.45
N LEU B 142 -17.60 80.26 15.39
CA LEU B 142 -18.48 79.13 15.64
C LEU B 142 -19.42 78.88 14.45
N GLN B 143 -19.67 79.89 13.64
CA GLN B 143 -20.50 79.69 12.45
C GLN B 143 -19.68 78.98 11.38
N ARG B 144 -18.38 79.25 11.34
CA ARG B 144 -17.47 78.56 10.44
C ARG B 144 -17.32 77.11 10.84
N ILE B 145 -17.24 76.88 12.15
CA ILE B 145 -17.12 75.52 12.67
C ILE B 145 -18.43 74.73 12.48
N VAL B 146 -19.55 75.44 12.61
CA VAL B 146 -20.86 74.83 12.39
C VAL B 146 -21.05 74.51 10.90
N ASP B 147 -20.46 75.34 10.03
CA ASP B 147 -20.56 75.13 8.58
C ASP B 147 -19.92 73.82 8.13
N ILE B 148 -19.28 73.10 9.05
CA ILE B 148 -18.84 71.75 8.78
C ILE B 148 -20.03 70.81 8.88
N LEU B 149 -20.95 71.14 9.79
CA LEU B 149 -22.18 70.38 9.95
C LEU B 149 -23.25 70.85 8.97
#